data_3PRF
#
_entry.id   3PRF
#
_cell.length_a   100.188
_cell.length_b   100.188
_cell.length_c   164.606
_cell.angle_alpha   90.00
_cell.angle_beta   90.00
_cell.angle_gamma   90.00
#
_symmetry.space_group_name_H-M   'P 41 21 2'
#
loop_
_entity.id
_entity.type
_entity.pdbx_description
1 polymer 'Serine/threonine-protein kinase B-raf'
2 non-polymer 2-chloro-5-{[2-(pyrimidin-2-yl)furo[2,3-c]pyridin-3-yl]amino}phenol
#
_entity_poly.entity_id   1
_entity_poly.type   'polypeptide(L)'
_entity_poly.pdbx_seq_one_letter_code
;MDRGSHHHHHHGSEDRNRMKTLGRRDSSDDWEIPDGQITVGQRIGSGSFGTVYKGKWHGDVAVKMLNVTAPTPQQLQAFK
NEVGVLRKTRHVNILLFMGYSTKPQLAIVTQWCEGSSLYHHLHIIETKFEMIKLIDIARQTAQGMDYLHAKSIIHRDLKS
NNIFLHEDLTVKIGDFGLATVKSRWSGSHQFEQLSGSILWMAPEVIRMQDKNPYSFQSDVYAFGIVLYELMTGQLPYSNI
NNRDQIIFMVGRGYLSPDLSKVRSNCPKAMKRLMAECLKKKRDERPLFPQILASIELLARSLPKIHR
;
_entity_poly.pdbx_strand_id   A,B
#
loop_
_chem_comp.id
_chem_comp.type
_chem_comp.name
_chem_comp.formula
FP3 non-polymer 2-chloro-5-{[2-(pyrimidin-2-yl)furo[2,3-c]pyridin-3-yl]amino}phenol 'C17 H11 Cl N4 O2'
#
# COMPACT_ATOMS: atom_id res chain seq x y z
N ASP A 29 10.16 -15.89 -3.53
CA ASP A 29 10.53 -14.61 -2.83
C ASP A 29 11.25 -13.59 -3.71
N ASP A 30 12.43 -13.96 -4.22
CA ASP A 30 13.24 -13.06 -5.05
C ASP A 30 12.37 -12.15 -5.93
N TRP A 31 12.64 -10.84 -5.86
CA TRP A 31 11.80 -9.83 -6.48
C TRP A 31 12.29 -9.37 -7.85
N GLU A 32 13.02 -10.23 -8.55
CA GLU A 32 13.52 -9.86 -9.86
C GLU A 32 12.43 -9.97 -10.93
N ILE A 33 12.55 -9.15 -11.96
CA ILE A 33 11.55 -9.06 -13.01
C ILE A 33 12.21 -9.33 -14.36
N PRO A 34 11.74 -10.39 -15.06
CA PRO A 34 12.29 -10.84 -16.34
C PRO A 34 12.14 -9.76 -17.38
N ASP A 35 13.13 -9.65 -18.26
CA ASP A 35 13.14 -8.63 -19.31
C ASP A 35 11.80 -8.61 -20.05
N GLY A 36 11.44 -7.45 -20.61
CA GLY A 36 10.25 -7.37 -21.46
C GLY A 36 8.91 -7.34 -20.75
N GLN A 37 8.83 -7.84 -19.52
CA GLN A 37 7.58 -7.79 -18.73
C GLN A 37 7.12 -6.36 -18.49
N ILE A 38 8.08 -5.48 -18.26
CA ILE A 38 7.83 -4.11 -17.83
C ILE A 38 7.87 -3.12 -18.99
N THR A 39 6.80 -2.35 -19.14
CA THR A 39 6.67 -1.35 -20.23
C THR A 39 6.95 0.06 -19.67
N VAL A 40 7.66 0.87 -20.44
CA VAL A 40 8.06 2.20 -19.99
C VAL A 40 7.32 3.30 -20.74
N GLY A 41 6.74 4.23 -20.00
CA GLY A 41 5.92 5.30 -20.57
C GLY A 41 6.55 6.66 -20.47
N GLN A 42 5.76 7.63 -20.00
CA GLN A 42 6.21 9.02 -19.81
C GLN A 42 7.45 9.13 -18.96
N ARG A 43 8.40 9.92 -19.44
CA ARG A 43 9.51 10.32 -18.61
C ARG A 43 8.89 11.34 -17.66
N ILE A 44 9.17 11.23 -16.37
CA ILE A 44 8.61 12.21 -15.45
C ILE A 44 9.61 12.99 -14.61
N GLY A 45 10.83 12.48 -14.51
CA GLY A 45 11.86 13.22 -13.78
C GLY A 45 13.13 12.46 -13.44
N SER A 46 13.79 12.95 -12.40
CA SER A 46 15.03 12.35 -11.91
C SER A 46 14.92 12.03 -10.42
N GLY A 47 15.80 11.16 -9.94
CA GLY A 47 15.91 10.88 -8.52
C GLY A 47 17.29 10.34 -8.26
N SER A 48 17.70 10.33 -7.00
CA SER A 48 18.95 9.73 -6.59
C SER A 48 19.39 8.71 -7.61
N PHE A 49 20.44 9.04 -8.35
CA PHE A 49 21.02 8.16 -9.39
C PHE A 49 19.97 7.52 -10.33
N GLY A 50 19.31 8.32 -11.15
CA GLY A 50 18.48 7.76 -12.24
C GLY A 50 17.35 8.63 -12.73
N THR A 51 16.70 8.16 -13.79
CA THR A 51 15.48 8.76 -14.35
C THR A 51 14.22 8.01 -13.92
N VAL A 52 13.16 8.75 -13.62
CA VAL A 52 11.87 8.14 -13.22
C VAL A 52 10.85 8.20 -14.36
N TYR A 53 10.17 7.08 -14.60
CA TYR A 53 9.12 7.03 -15.61
C TYR A 53 7.85 6.48 -15.04
N LYS A 54 6.75 6.80 -15.71
CA LYS A 54 5.49 6.05 -15.51
C LYS A 54 5.55 4.79 -16.38
N GLY A 55 5.21 3.65 -15.80
CA GLY A 55 5.24 2.39 -16.52
C GLY A 55 4.04 1.51 -16.23
N LYS A 56 4.06 0.32 -16.81
CA LYS A 56 3.03 -0.67 -16.52
C LYS A 56 3.68 -1.98 -16.20
N TRP A 57 3.29 -2.56 -15.06
CA TRP A 57 3.65 -3.92 -14.68
C TRP A 57 2.65 -4.41 -13.64
N HIS A 58 1.72 -5.26 -14.07
CA HIS A 58 0.57 -5.66 -13.24
C HIS A 58 -0.17 -4.42 -12.72
N GLY A 59 -0.51 -3.53 -13.64
CA GLY A 59 -1.09 -2.24 -13.32
C GLY A 59 -0.06 -1.20 -13.72
N ASP A 60 -0.33 0.07 -13.44
CA ASP A 60 0.72 1.04 -13.75
C ASP A 60 1.62 1.29 -12.54
N VAL A 61 2.88 1.59 -12.81
CA VAL A 61 3.91 1.64 -11.77
C VAL A 61 4.88 2.78 -12.01
N ALA A 62 5.61 3.15 -10.95
CA ALA A 62 6.75 4.04 -11.08
C ALA A 62 7.97 3.21 -11.35
N VAL A 63 8.78 3.64 -12.32
CA VAL A 63 10.02 2.93 -12.63
C VAL A 63 11.21 3.88 -12.57
N LYS A 64 12.16 3.60 -11.69
CA LYS A 64 13.42 4.34 -11.65
C LYS A 64 14.50 3.57 -12.37
N MET A 65 14.86 4.03 -13.57
CA MET A 65 15.85 3.36 -14.36
C MET A 65 17.18 4.10 -14.35
N LEU A 66 18.26 3.36 -14.16
CA LEU A 66 19.59 3.88 -14.49
C LEU A 66 19.95 3.35 -15.88
N ASN A 67 19.65 4.17 -16.89
CA ASN A 67 19.75 3.72 -18.28
C ASN A 67 20.98 4.23 -19.04
N VAL A 68 22.10 3.57 -18.81
CA VAL A 68 23.31 3.82 -19.59
C VAL A 68 23.53 2.63 -20.52
N THR A 69 24.66 1.94 -20.35
CA THR A 69 25.04 0.82 -21.21
C THR A 69 25.81 -0.18 -20.34
N ALA A 70 27.02 0.19 -19.96
CA ALA A 70 27.71 -0.49 -18.88
C ALA A 70 27.38 0.24 -17.58
N PRO A 71 26.93 -0.50 -16.55
CA PRO A 71 26.72 0.12 -15.24
C PRO A 71 28.05 0.37 -14.49
N THR A 72 28.17 1.54 -13.86
CA THR A 72 29.28 1.81 -12.94
C THR A 72 29.26 0.75 -11.83
N PRO A 73 30.45 0.30 -11.39
CA PRO A 73 30.51 -0.52 -10.16
C PRO A 73 30.01 0.22 -8.90
N GLN A 74 30.16 1.54 -8.87
CA GLN A 74 29.69 2.36 -7.74
C GLN A 74 28.17 2.47 -7.71
N GLN A 75 27.58 2.76 -8.88
CA GLN A 75 26.14 2.79 -9.04
C GLN A 75 25.51 1.41 -8.81
N LEU A 76 26.21 0.36 -9.24
CA LEU A 76 25.86 -1.02 -8.92
C LEU A 76 25.65 -1.20 -7.41
N GLN A 77 26.57 -0.64 -6.63
CA GLN A 77 26.46 -0.64 -5.16
C GLN A 77 25.31 0.25 -4.66
N ALA A 78 25.07 1.36 -5.37
CA ALA A 78 24.02 2.30 -4.99
C ALA A 78 22.65 1.69 -5.22
N PHE A 79 22.50 1.07 -6.38
CA PHE A 79 21.27 0.40 -6.79
C PHE A 79 20.95 -0.72 -5.82
N LYS A 80 21.94 -1.57 -5.53
CA LYS A 80 21.75 -2.72 -4.63
C LYS A 80 21.44 -2.30 -3.18
N ASN A 81 21.69 -1.04 -2.88
CA ASN A 81 21.39 -0.50 -1.56
C ASN A 81 19.97 -0.04 -1.37
N GLU A 82 19.45 0.69 -2.35
CA GLU A 82 18.06 1.14 -2.28
C GLU A 82 17.15 -0.10 -2.25
N VAL A 83 17.42 -1.05 -3.15
CA VAL A 83 16.68 -2.31 -3.20
C VAL A 83 16.74 -3.02 -1.85
N GLY A 84 17.94 -3.10 -1.27
CA GLY A 84 18.13 -3.74 0.02
C GLY A 84 17.29 -3.10 1.10
N VAL A 85 17.21 -1.78 1.06
CA VAL A 85 16.47 -0.98 2.05
C VAL A 85 14.97 -1.09 1.81
N LEU A 86 14.56 -0.97 0.55
CA LEU A 86 13.15 -1.03 0.19
C LEU A 86 12.53 -2.39 0.51
N ARG A 87 13.22 -3.48 0.16
CA ARG A 87 12.70 -4.79 0.51
C ARG A 87 12.71 -5.06 2.02
N LYS A 88 13.20 -4.09 2.79
CA LYS A 88 13.05 -4.11 4.24
C LYS A 88 11.78 -3.40 4.72
N THR A 89 11.09 -2.68 3.82
CA THR A 89 9.96 -1.83 4.22
C THR A 89 8.59 -2.29 3.73
N ARG A 90 7.65 -2.35 4.66
CA ARG A 90 6.28 -2.66 4.36
C ARG A 90 5.47 -1.81 5.31
N HIS A 91 4.93 -0.70 4.80
CA HIS A 91 4.14 0.19 5.65
C HIS A 91 3.41 1.19 4.76
N VAL A 92 2.14 1.45 5.06
CA VAL A 92 1.31 2.39 4.29
C VAL A 92 2.08 3.64 3.89
N ASN A 93 2.75 4.27 4.84
CA ASN A 93 3.44 5.53 4.62
C ASN A 93 4.83 5.43 3.96
N ILE A 94 5.17 4.23 3.51
CA ILE A 94 6.39 4.03 2.74
C ILE A 94 6.05 3.57 1.34
N LEU A 95 6.54 4.31 0.36
CA LEU A 95 6.35 3.98 -1.04
C LEU A 95 6.57 2.48 -1.23
N LEU A 96 5.52 1.80 -1.68
CA LEU A 96 5.56 0.35 -1.81
C LEU A 96 6.51 -0.11 -2.90
N PHE A 97 7.62 -0.69 -2.47
CA PHE A 97 8.55 -1.35 -3.38
C PHE A 97 7.82 -2.55 -3.93
N MET A 98 7.98 -2.77 -5.24
CA MET A 98 7.27 -3.85 -5.90
C MET A 98 8.20 -4.87 -6.52
N GLY A 99 9.32 -4.42 -7.07
CA GLY A 99 10.27 -5.31 -7.73
C GLY A 99 11.43 -4.57 -8.34
N TYR A 100 12.42 -5.30 -8.83
CA TYR A 100 13.57 -4.70 -9.48
C TYR A 100 13.91 -5.50 -10.72
N SER A 101 14.68 -4.93 -11.63
CA SER A 101 15.28 -5.70 -12.71
C SER A 101 16.67 -5.17 -13.03
N THR A 102 17.49 -6.02 -13.63
CA THR A 102 18.89 -5.67 -13.92
C THR A 102 19.07 -5.61 -15.42
N LYS A 103 18.78 -6.71 -16.10
CA LYS A 103 18.62 -6.69 -17.55
C LYS A 103 17.23 -6.10 -17.85
N PRO A 104 17.12 -5.19 -18.84
CA PRO A 104 18.18 -4.63 -19.69
C PRO A 104 19.01 -3.58 -18.93
N GLN A 105 18.32 -2.62 -18.33
CA GLN A 105 18.96 -1.61 -17.50
C GLN A 105 18.47 -1.80 -16.07
N LEU A 106 19.28 -1.39 -15.11
CA LEU A 106 18.91 -1.47 -13.70
C LEU A 106 17.72 -0.59 -13.40
N ALA A 107 16.73 -1.15 -12.70
CA ALA A 107 15.45 -0.49 -12.53
C ALA A 107 14.77 -0.92 -11.24
N ILE A 108 14.29 0.06 -10.48
CA ILE A 108 13.45 -0.21 -9.32
C ILE A 108 12.00 0.05 -9.70
N VAL A 109 11.08 -0.79 -9.23
CA VAL A 109 9.66 -0.67 -9.55
C VAL A 109 8.88 -0.51 -8.27
N THR A 110 8.11 0.57 -8.19
CA THR A 110 7.27 0.83 -7.04
C THR A 110 5.91 1.20 -7.56
N GLN A 111 4.93 1.20 -6.65
CA GLN A 111 3.57 1.62 -6.92
C GLN A 111 3.54 2.99 -7.53
N TRP A 112 2.52 3.24 -8.36
CA TRP A 112 2.30 4.58 -8.91
C TRP A 112 1.43 5.42 -7.98
N CYS A 113 1.88 6.63 -7.70
CA CYS A 113 1.14 7.56 -6.87
C CYS A 113 0.57 8.68 -7.74
N GLU A 114 -0.75 8.66 -7.88
CA GLU A 114 -1.42 9.63 -8.72
C GLU A 114 -1.50 10.89 -7.88
N GLY A 115 -1.44 12.05 -8.53
CA GLY A 115 -1.29 13.29 -7.81
C GLY A 115 0.18 13.65 -7.83
N SER A 116 0.69 14.18 -6.72
CA SER A 116 2.02 14.76 -6.77
C SER A 116 2.82 14.71 -5.48
N SER A 117 4.10 15.12 -5.57
CA SER A 117 4.93 15.32 -4.38
C SER A 117 4.46 16.54 -3.59
N LEU A 118 4.64 16.49 -2.27
CA LEU A 118 4.37 17.62 -1.39
C LEU A 118 5.04 18.94 -1.85
N TYR A 119 6.30 18.85 -2.28
CA TYR A 119 7.00 19.98 -2.90
C TYR A 119 6.19 20.57 -4.05
N HIS A 120 5.75 19.70 -4.96
CA HIS A 120 4.99 20.14 -6.13
C HIS A 120 3.73 20.88 -5.69
N HIS A 121 2.92 20.25 -4.82
CA HIS A 121 1.70 20.88 -4.35
C HIS A 121 1.99 22.25 -3.80
N LEU A 122 2.93 22.32 -2.86
CA LEU A 122 3.19 23.53 -2.10
C LEU A 122 3.84 24.65 -2.92
N HIS A 123 4.91 24.33 -3.65
CA HIS A 123 5.71 25.40 -4.24
C HIS A 123 5.53 25.59 -5.74
N ILE A 124 4.94 24.62 -6.43
CA ILE A 124 4.66 24.79 -7.86
C ILE A 124 3.19 25.08 -8.09
N ILE A 125 2.32 24.09 -8.04
CA ILE A 125 0.89 24.33 -8.33
C ILE A 125 0.15 25.11 -7.24
N GLU A 126 0.79 25.26 -6.08
CA GLU A 126 0.28 26.04 -4.93
C GLU A 126 -1.06 25.55 -4.39
N THR A 127 -1.19 24.23 -4.21
CA THR A 127 -2.37 23.67 -3.58
C THR A 127 -2.48 24.21 -2.17
N LYS A 128 -3.56 24.93 -1.92
CA LYS A 128 -3.79 25.50 -0.62
C LYS A 128 -4.54 24.46 0.20
N PHE A 129 -3.86 23.82 1.12
CA PHE A 129 -4.49 22.84 2.01
C PHE A 129 -5.03 23.54 3.24
N GLU A 130 -5.75 22.78 4.06
CA GLU A 130 -6.26 23.29 5.32
C GLU A 130 -5.47 22.73 6.49
N MET A 131 -5.40 23.48 7.58
CA MET A 131 -4.63 23.08 8.76
C MET A 131 -4.85 21.63 9.19
N ILE A 132 -6.11 21.21 9.19
CA ILE A 132 -6.48 19.86 9.61
C ILE A 132 -5.81 18.85 8.68
N LYS A 133 -5.73 19.22 7.39
CA LYS A 133 -5.17 18.40 6.34
C LYS A 133 -3.64 18.44 6.42
N LEU A 134 -3.12 19.65 6.64
CA LEU A 134 -1.68 19.89 6.76
C LEU A 134 -1.08 19.16 7.95
N ILE A 135 -1.81 19.19 9.08
CA ILE A 135 -1.46 18.43 10.26
C ILE A 135 -1.49 16.94 9.97
N ASP A 136 -2.47 16.51 9.18
CA ASP A 136 -2.58 15.10 8.83
C ASP A 136 -1.37 14.63 8.01
N ILE A 137 -0.98 15.43 7.03
CA ILE A 137 0.21 15.15 6.24
C ILE A 137 1.44 15.06 7.15
N ALA A 138 1.51 15.96 8.12
CA ALA A 138 2.59 15.97 9.11
C ALA A 138 2.61 14.65 9.91
N ARG A 139 1.47 14.27 10.46
CA ARG A 139 1.33 13.01 11.19
C ARG A 139 1.74 11.79 10.35
N GLN A 140 1.19 11.66 9.15
CA GLN A 140 1.52 10.52 8.30
C GLN A 140 3.01 10.44 7.98
N THR A 141 3.62 11.58 7.65
CA THR A 141 5.06 11.66 7.41
C THR A 141 5.84 11.24 8.65
N ALA A 142 5.43 11.78 9.80
CA ALA A 142 5.98 11.35 11.09
C ALA A 142 5.81 9.85 11.28
N GLN A 143 4.68 9.33 10.82
CA GLN A 143 4.35 7.91 10.97
C GLN A 143 5.34 7.02 10.25
N GLY A 144 5.64 7.35 8.99
CA GLY A 144 6.57 6.57 8.18
C GLY A 144 8.00 6.67 8.66
N MET A 145 8.33 7.79 9.29
CA MET A 145 9.68 8.02 9.80
C MET A 145 9.95 7.21 11.05
N ASP A 146 8.95 7.09 11.92
CA ASP A 146 9.07 6.26 13.11
C ASP A 146 9.37 4.83 12.69
N TYR A 147 8.58 4.34 11.74
CA TYR A 147 8.74 3.02 11.18
C TYR A 147 10.15 2.86 10.62
N LEU A 148 10.60 3.86 9.86
CA LEU A 148 11.92 3.80 9.22
C LEU A 148 12.97 3.67 10.29
N HIS A 149 12.82 4.47 11.33
CA HIS A 149 13.77 4.52 12.43
C HIS A 149 13.69 3.29 13.31
N ALA A 150 12.48 2.83 13.59
CA ALA A 150 12.29 1.59 14.32
C ALA A 150 13.09 0.47 13.67
N LYS A 151 13.05 0.38 12.34
CA LYS A 151 13.76 -0.69 11.65
C LYS A 151 15.16 -0.23 11.29
N SER A 152 15.61 0.84 11.97
CA SER A 152 16.99 1.30 11.92
C SER A 152 17.46 1.84 10.55
N ILE A 153 16.50 2.33 9.77
CA ILE A 153 16.79 2.99 8.50
C ILE A 153 16.87 4.50 8.73
N ILE A 154 17.91 5.13 8.16
CA ILE A 154 18.02 6.58 8.14
C ILE A 154 17.91 7.07 6.70
N HIS A 155 16.98 8.00 6.49
CA HIS A 155 16.64 8.44 5.13
C HIS A 155 17.68 9.32 4.49
N ARG A 156 18.26 10.22 5.28
CA ARG A 156 19.35 11.11 4.82
C ARG A 156 18.98 12.04 3.67
N ASP A 157 17.70 12.16 3.36
CA ASP A 157 17.26 13.04 2.28
C ASP A 157 15.77 13.31 2.31
N LEU A 158 15.16 13.25 3.49
CA LEU A 158 13.78 13.66 3.67
C LEU A 158 13.68 15.11 3.22
N LYS A 159 12.66 15.37 2.41
CA LYS A 159 12.33 16.71 1.90
C LYS A 159 11.01 16.53 1.18
N SER A 160 10.30 17.64 0.94
CA SER A 160 8.96 17.59 0.39
C SER A 160 8.89 17.01 -1.03
N ASN A 161 10.02 17.03 -1.73
CA ASN A 161 10.17 16.38 -3.02
C ASN A 161 10.05 14.87 -2.95
N ASN A 162 10.41 14.31 -1.80
CA ASN A 162 10.43 12.87 -1.59
C ASN A 162 9.22 12.34 -0.84
N ILE A 163 8.23 13.21 -0.66
CA ILE A 163 6.99 12.84 -0.01
C ILE A 163 5.85 12.98 -0.99
N PHE A 164 5.43 11.85 -1.54
CA PHE A 164 4.39 11.83 -2.54
C PHE A 164 3.01 11.68 -1.88
N LEU A 165 2.05 12.47 -2.34
CA LEU A 165 0.73 12.51 -1.76
C LEU A 165 -0.23 11.75 -2.66
N HIS A 166 -0.30 10.45 -2.45
CA HIS A 166 -1.02 9.52 -3.32
C HIS A 166 -2.54 9.58 -3.12
N GLU A 167 -3.25 9.69 -4.24
CA GLU A 167 -4.70 10.00 -4.29
C GLU A 167 -5.07 11.26 -3.49
N ASP A 168 -4.11 12.19 -3.35
CA ASP A 168 -4.27 13.40 -2.54
C ASP A 168 -4.75 13.13 -1.09
N LEU A 169 -4.42 11.97 -0.52
CA LEU A 169 -4.76 11.73 0.90
C LEU A 169 -3.96 10.67 1.67
N THR A 170 -2.93 10.11 1.04
CA THR A 170 -1.99 9.24 1.76
C THR A 170 -0.55 9.58 1.41
N VAL A 171 0.26 9.76 2.45
CA VAL A 171 1.66 10.09 2.29
C VAL A 171 2.46 8.81 2.12
N LYS A 172 3.30 8.80 1.09
CA LYS A 172 4.31 7.77 0.93
C LYS A 172 5.66 8.45 0.85
N ILE A 173 6.56 8.10 1.76
CA ILE A 173 7.92 8.63 1.71
C ILE A 173 8.67 7.76 0.73
N GLY A 174 9.44 8.36 -0.17
CA GLY A 174 10.13 7.53 -1.14
C GLY A 174 11.36 7.89 -1.93
N ASP A 175 12.51 8.10 -1.31
CA ASP A 175 13.75 8.02 -2.10
C ASP A 175 14.91 7.53 -1.25
N PHE A 176 15.49 6.42 -1.65
CA PHE A 176 16.37 5.69 -0.75
C PHE A 176 17.81 5.42 -1.20
N GLY A 177 18.53 6.45 -1.67
CA GLY A 177 20.01 6.42 -1.71
C GLY A 177 20.54 6.77 -0.31
N LEU A 178 20.64 5.76 0.56
CA LEU A 178 20.87 5.96 2.02
C LEU A 178 21.27 4.72 2.85
N ALA A 179 21.38 4.93 4.17
CA ALA A 179 22.06 4.02 5.11
C ALA A 179 21.12 3.30 6.04
N THR A 180 21.57 2.12 6.48
CA THR A 180 20.91 1.39 7.55
C THR A 180 21.94 0.94 8.60
N VAL A 181 21.53 0.94 9.87
CA VAL A 181 22.41 0.69 11.04
C VAL A 181 23.38 1.85 11.26
N GLY A 196 22.54 18.86 -4.73
CA GLY A 196 22.25 18.96 -3.31
C GLY A 196 20.97 19.77 -3.07
N SER A 197 20.07 19.18 -2.29
CA SER A 197 18.88 19.86 -1.82
C SER A 197 19.20 20.30 -0.40
N ILE A 198 19.37 21.60 -0.19
CA ILE A 198 20.19 21.98 0.94
C ILE A 198 19.86 21.85 2.38
N LEU A 199 19.22 22.78 3.08
CA LEU A 199 17.94 23.47 2.84
C LEU A 199 17.00 22.63 3.68
N TRP A 200 17.27 21.33 3.67
CA TRP A 200 16.71 20.39 4.61
C TRP A 200 17.84 19.78 5.46
N MET A 201 19.06 20.23 5.22
CA MET A 201 20.27 19.74 5.92
C MET A 201 20.49 20.41 7.27
N ALA A 202 20.72 19.59 8.29
CA ALA A 202 21.09 20.09 9.59
C ALA A 202 22.48 20.70 9.51
N PRO A 203 22.77 21.69 10.38
CA PRO A 203 24.09 22.31 10.46
C PRO A 203 25.23 21.31 10.45
N GLU A 204 25.21 20.37 11.38
CA GLU A 204 26.15 19.22 11.40
C GLU A 204 26.37 18.59 10.03
N VAL A 205 25.28 18.36 9.29
CA VAL A 205 25.39 17.81 7.93
C VAL A 205 26.07 18.81 6.98
N ILE A 206 25.60 20.06 7.01
CA ILE A 206 26.22 21.16 6.25
C ILE A 206 27.73 21.24 6.44
N ARG A 207 28.17 21.30 7.69
CA ARG A 207 29.58 21.50 7.97
C ARG A 207 30.26 20.14 8.21
N MET A 208 30.37 19.33 7.15
CA MET A 208 30.74 17.91 7.26
C MET A 208 32.00 17.61 8.12
N GLN A 209 32.03 18.16 9.33
CA GLN A 209 33.20 18.02 10.22
C GLN A 209 33.05 16.83 11.18
N ASP A 210 33.45 15.67 10.68
CA ASP A 210 33.48 14.35 11.37
C ASP A 210 32.97 13.27 10.40
N LYS A 211 33.32 12.01 10.66
CA LYS A 211 33.00 10.90 9.74
C LYS A 211 31.51 10.82 9.40
N ASN A 212 30.68 10.61 10.41
CA ASN A 212 29.24 10.51 10.21
C ASN A 212 28.47 11.68 10.83
N PRO A 213 28.04 12.64 9.98
CA PRO A 213 27.11 13.67 10.40
C PRO A 213 25.65 13.19 10.42
N TYR A 214 25.30 12.26 9.52
CA TYR A 214 23.92 11.75 9.40
C TYR A 214 23.51 10.86 10.56
N SER A 215 22.30 11.11 11.08
CA SER A 215 21.74 10.35 12.20
C SER A 215 20.24 10.54 12.25
N PHE A 216 19.61 9.87 13.20
CA PHE A 216 18.19 10.02 13.45
C PHE A 216 17.80 11.49 13.61
N GLN A 217 18.63 12.25 14.32
CA GLN A 217 18.40 13.66 14.57
C GLN A 217 18.49 14.53 13.33
N SER A 218 19.31 14.12 12.36
CA SER A 218 19.41 14.86 11.12
C SER A 218 18.14 14.63 10.31
N ASP A 219 17.61 13.40 10.35
CA ASP A 219 16.34 13.09 9.72
C ASP A 219 15.26 13.96 10.38
N VAL A 220 15.23 13.95 11.71
CA VAL A 220 14.33 14.80 12.47
C VAL A 220 14.43 16.27 12.03
N TYR A 221 15.64 16.71 11.69
CA TYR A 221 15.81 18.09 11.31
C TYR A 221 15.10 18.34 9.98
N ALA A 222 15.44 17.54 8.97
CA ALA A 222 14.77 17.55 7.65
C ALA A 222 13.25 17.58 7.80
N PHE A 223 12.72 16.66 8.61
CA PHE A 223 11.31 16.66 8.95
C PHE A 223 10.83 18.02 9.43
N GLY A 224 11.68 18.69 10.22
CA GLY A 224 11.36 20.03 10.72
C GLY A 224 11.13 21.02 9.61
N ILE A 225 11.99 21.01 8.60
CA ILE A 225 11.83 21.90 7.45
C ILE A 225 10.53 21.61 6.72
N VAL A 226 10.17 20.33 6.64
CA VAL A 226 8.89 20.00 6.03
C VAL A 226 7.72 20.53 6.84
N LEU A 227 7.79 20.47 8.17
CA LEU A 227 6.77 21.12 9.01
C LEU A 227 6.68 22.60 8.69
N TYR A 228 7.84 23.22 8.48
CA TYR A 228 7.93 24.62 8.08
C TYR A 228 7.17 24.87 6.78
N GLU A 229 7.48 24.10 5.73
CA GLU A 229 6.85 24.27 4.41
C GLU A 229 5.33 24.10 4.48
N LEU A 230 4.89 23.14 5.30
CA LEU A 230 3.48 22.88 5.48
C LEU A 230 2.80 24.04 6.20
N MET A 231 3.46 24.57 7.22
CA MET A 231 2.82 25.56 8.07
C MET A 231 2.97 27.00 7.55
N THR A 232 3.93 27.24 6.65
CA THR A 232 4.15 28.57 6.08
C THR A 232 3.77 28.61 4.63
N GLY A 233 3.83 27.46 3.98
CA GLY A 233 3.62 27.36 2.54
C GLY A 233 4.83 27.81 1.77
N GLN A 234 5.94 28.05 2.45
CA GLN A 234 7.12 28.57 1.79
C GLN A 234 8.35 27.68 1.93
N LEU A 235 9.30 27.82 1.01
CA LEU A 235 10.63 27.28 1.25
C LEU A 235 11.35 28.25 2.18
N PRO A 236 12.18 27.74 3.10
CA PRO A 236 12.79 28.67 4.07
C PRO A 236 13.76 29.64 3.41
N TYR A 237 14.07 30.72 4.12
CA TYR A 237 15.02 31.73 3.70
C TYR A 237 14.71 32.35 2.34
N SER A 238 13.44 32.56 2.02
CA SER A 238 13.04 33.07 0.69
C SER A 238 13.52 34.49 0.37
N ASN A 239 14.06 35.18 1.36
CA ASN A 239 14.47 36.56 1.17
C ASN A 239 15.97 36.72 1.01
N ILE A 240 16.69 35.60 1.09
CA ILE A 240 18.09 35.56 0.70
C ILE A 240 18.18 34.96 -0.68
N ASN A 241 18.76 35.69 -1.61
CA ASN A 241 18.87 35.24 -2.99
C ASN A 241 20.29 34.74 -3.33
N ASN A 242 20.90 34.02 -2.40
CA ASN A 242 22.26 33.51 -2.58
C ASN A 242 22.47 32.22 -1.80
N ARG A 243 22.59 31.13 -2.55
CA ARG A 243 22.60 29.78 -2.00
C ARG A 243 23.83 29.55 -1.10
N ASP A 244 25.00 30.00 -1.54
CA ASP A 244 26.22 29.91 -0.76
C ASP A 244 26.05 30.54 0.63
N GLN A 245 25.53 31.76 0.65
CA GLN A 245 25.31 32.47 1.88
C GLN A 245 24.35 31.70 2.78
N ILE A 246 23.35 31.07 2.16
CA ILE A 246 22.42 30.24 2.92
C ILE A 246 23.19 29.06 3.53
N ILE A 247 23.98 28.35 2.73
CA ILE A 247 24.70 27.19 3.27
C ILE A 247 25.74 27.62 4.33
N PHE A 248 26.43 28.73 4.10
CA PHE A 248 27.47 29.15 5.04
C PHE A 248 26.86 29.42 6.39
N MET A 249 25.79 30.19 6.39
CA MET A 249 25.20 30.65 7.63
C MET A 249 24.43 29.61 8.41
N VAL A 250 23.69 28.73 7.74
CA VAL A 250 23.00 27.68 8.47
C VAL A 250 24.06 26.83 9.20
N GLY A 251 25.13 26.54 8.46
CA GLY A 251 26.32 25.85 8.97
C GLY A 251 26.98 26.45 10.20
N ARG A 252 27.09 27.78 10.25
CA ARG A 252 27.67 28.44 11.42
C ARG A 252 26.64 28.79 12.49
N GLY A 253 25.39 28.41 12.24
CA GLY A 253 24.30 28.74 13.16
C GLY A 253 23.92 30.22 13.20
N TYR A 254 24.15 30.92 12.09
CA TYR A 254 23.81 32.34 12.03
C TYR A 254 22.39 32.51 11.54
N LEU A 255 22.00 31.65 10.59
CA LEU A 255 20.68 31.65 9.99
C LEU A 255 19.91 30.46 10.54
N SER A 256 18.61 30.68 10.74
CA SER A 256 17.69 29.61 11.07
C SER A 256 16.31 29.98 10.52
N PRO A 257 15.46 28.97 10.25
CA PRO A 257 14.12 29.22 9.74
C PRO A 257 13.39 30.19 10.66
N ASP A 258 12.66 31.13 10.06
CA ASP A 258 11.94 32.17 10.78
C ASP A 258 10.55 31.68 11.13
N LEU A 259 10.45 31.08 12.31
CA LEU A 259 9.20 30.44 12.78
C LEU A 259 8.04 31.40 13.00
N SER A 260 8.29 32.70 12.84
CA SER A 260 7.26 33.71 13.04
C SER A 260 6.42 33.80 11.77
N LYS A 261 6.84 33.07 10.75
CA LYS A 261 6.21 33.11 9.44
C LYS A 261 5.03 32.16 9.28
N VAL A 262 4.72 31.37 10.33
CA VAL A 262 3.69 30.32 10.23
C VAL A 262 2.26 30.86 10.25
N ARG A 263 1.38 30.18 9.53
CA ARG A 263 -0.05 30.52 9.54
C ARG A 263 -0.55 30.72 10.97
N SER A 264 -1.40 31.72 11.16
CA SER A 264 -1.87 32.10 12.51
C SER A 264 -2.77 31.04 13.13
N ASN A 265 -3.42 30.25 12.29
CA ASN A 265 -4.28 29.17 12.76
C ASN A 265 -3.52 27.88 13.07
N CYS A 266 -2.25 27.83 12.68
CA CYS A 266 -1.33 26.78 13.12
C CYS A 266 -1.29 26.78 14.64
N PRO A 267 -1.57 25.63 15.28
CA PRO A 267 -1.65 25.58 16.75
C PRO A 267 -0.33 25.93 17.44
N LYS A 268 -0.41 26.39 18.68
CA LYS A 268 0.78 26.74 19.46
C LYS A 268 1.74 25.55 19.56
N ALA A 269 1.18 24.39 19.92
CA ALA A 269 1.95 23.17 20.14
C ALA A 269 2.75 22.74 18.90
N MET A 270 2.21 23.06 17.72
CA MET A 270 2.88 22.74 16.45
C MET A 270 4.09 23.66 16.27
N LYS A 271 3.89 24.94 16.52
CA LYS A 271 4.98 25.91 16.50
C LYS A 271 6.05 25.47 17.49
N ARG A 272 5.62 25.13 18.70
CA ARG A 272 6.48 24.57 19.75
C ARG A 272 7.29 23.35 19.27
N LEU A 273 6.61 22.40 18.62
CA LEU A 273 7.24 21.17 18.12
C LEU A 273 8.32 21.43 17.05
N MET A 274 8.03 22.36 16.14
CA MET A 274 8.94 22.73 15.07
C MET A 274 10.28 23.21 15.61
N ALA A 275 10.22 24.17 16.53
CA ALA A 275 11.42 24.70 17.20
C ALA A 275 12.28 23.58 17.77
N GLU A 276 11.65 22.63 18.46
CA GLU A 276 12.35 21.48 19.00
C GLU A 276 13.03 20.64 17.90
N CYS A 277 12.30 20.37 16.82
CA CYS A 277 12.85 19.65 15.67
C CYS A 277 13.98 20.40 15.00
N LEU A 278 13.91 21.73 15.00
CA LEU A 278 14.87 22.54 14.27
C LEU A 278 16.07 22.97 15.13
N LYS A 279 16.17 22.44 16.34
CA LYS A 279 17.30 22.69 17.24
C LYS A 279 18.62 22.65 16.51
N LYS A 280 19.49 23.62 16.80
CA LYS A 280 20.79 23.73 16.17
C LYS A 280 21.71 22.64 16.70
N LYS A 281 21.48 22.24 17.95
CA LYS A 281 22.24 21.18 18.58
C LYS A 281 21.58 19.83 18.32
N ARG A 282 22.31 18.97 17.60
CA ARG A 282 21.91 17.59 17.33
C ARG A 282 21.17 16.92 18.51
N ASP A 283 21.86 16.73 19.63
CA ASP A 283 21.29 16.00 20.79
C ASP A 283 20.04 16.64 21.42
N GLU A 284 19.75 17.88 21.05
CA GLU A 284 18.66 18.61 21.68
C GLU A 284 17.29 18.39 20.98
N ARG A 285 17.28 17.51 19.99
CA ARG A 285 16.09 17.20 19.19
C ARG A 285 15.39 15.95 19.70
N PRO A 286 14.03 15.92 19.60
CA PRO A 286 13.25 14.76 20.02
C PRO A 286 13.24 13.68 18.94
N LEU A 287 13.18 12.41 19.34
CA LEU A 287 13.13 11.30 18.38
C LEU A 287 11.69 11.09 17.90
N PHE A 288 11.53 10.28 16.85
CA PHE A 288 10.24 10.21 16.15
C PHE A 288 9.04 9.68 16.95
N PRO A 289 9.27 8.67 17.82
CA PRO A 289 8.12 8.31 18.65
C PRO A 289 7.50 9.56 19.30
N GLN A 290 8.35 10.38 19.92
CA GLN A 290 7.91 11.56 20.67
C GLN A 290 7.24 12.59 19.75
N ILE A 291 7.82 12.79 18.56
CA ILE A 291 7.21 13.64 17.55
C ILE A 291 5.81 13.13 17.16
N LEU A 292 5.69 11.81 17.03
CA LEU A 292 4.44 11.21 16.64
C LEU A 292 3.36 11.38 17.70
N ALA A 293 3.73 11.18 18.97
CA ALA A 293 2.79 11.42 20.08
C ALA A 293 2.38 12.89 20.12
N SER A 294 3.35 13.77 19.86
CA SER A 294 3.10 15.20 19.84
C SER A 294 2.01 15.53 18.84
N ILE A 295 2.20 15.14 17.58
CA ILE A 295 1.24 15.48 16.54
C ILE A 295 -0.11 14.84 16.83
N GLU A 296 -0.11 13.57 17.23
CA GLU A 296 -1.34 12.88 17.54
C GLU A 296 -2.17 13.62 18.61
N LEU A 297 -1.49 14.09 19.66
CA LEU A 297 -2.13 14.84 20.74
C LEU A 297 -2.80 16.12 20.23
N LEU A 298 -2.04 16.98 19.57
CA LEU A 298 -2.54 18.28 19.10
C LEU A 298 -3.58 18.11 17.99
N ALA A 299 -3.48 17.00 17.25
CA ALA A 299 -4.42 16.71 16.18
C ALA A 299 -5.79 16.36 16.76
N ARG A 300 -5.76 15.69 17.91
CA ARG A 300 -6.95 15.17 18.57
C ARG A 300 -7.83 16.30 19.09
N SER A 301 -7.19 17.31 19.67
CA SER A 301 -7.87 18.44 20.29
C SER A 301 -7.85 19.67 19.37
N LEU A 302 -8.06 19.43 18.08
CA LEU A 302 -7.97 20.47 17.06
C LEU A 302 -9.30 20.87 16.38
N PRO A 303 -10.20 19.89 16.04
CA PRO A 303 -11.43 20.21 15.28
C PRO A 303 -12.11 21.53 15.65
N LYS A 304 -12.22 21.79 16.96
CA LYS A 304 -12.66 23.08 17.48
C LYS A 304 -11.79 24.22 16.91
N ASP B 29 16.45 -8.38 8.10
CA ASP B 29 15.51 -8.85 7.04
C ASP B 29 14.11 -9.21 7.55
N ASP B 30 14.05 -9.76 8.77
CA ASP B 30 12.87 -10.50 9.20
C ASP B 30 11.57 -9.69 9.25
N TRP B 31 10.44 -10.42 9.32
CA TRP B 31 9.12 -9.84 9.41
C TRP B 31 8.47 -10.12 10.74
N GLU B 32 9.23 -10.72 11.64
CA GLU B 32 8.73 -10.99 12.98
C GLU B 32 8.78 -9.76 13.88
N ILE B 33 7.64 -9.41 14.43
CA ILE B 33 7.54 -8.31 15.37
C ILE B 33 7.97 -8.79 16.77
N PRO B 34 9.01 -8.17 17.36
CA PRO B 34 9.49 -8.61 18.69
C PRO B 34 8.41 -8.43 19.76
N ASP B 35 8.51 -9.26 20.80
CA ASP B 35 7.43 -9.43 21.78
C ASP B 35 6.83 -8.11 22.31
N GLY B 36 5.51 -8.13 22.52
CA GLY B 36 4.82 -7.04 23.20
C GLY B 36 4.71 -5.68 22.53
N GLN B 37 5.23 -5.53 21.31
CA GLN B 37 5.14 -4.25 20.59
C GLN B 37 3.73 -3.96 20.06
N ILE B 38 3.01 -5.02 19.71
CA ILE B 38 1.71 -4.92 19.00
C ILE B 38 0.52 -4.74 19.95
N THR B 39 -0.08 -3.56 19.97
CA THR B 39 -1.25 -3.34 20.83
C THR B 39 -2.51 -3.89 20.17
N VAL B 40 -3.08 -4.92 20.78
CA VAL B 40 -4.34 -5.48 20.29
C VAL B 40 -5.48 -4.61 20.78
N GLY B 41 -6.30 -4.12 19.85
CA GLY B 41 -7.50 -3.39 20.20
C GLY B 41 -8.66 -4.35 20.31
N GLN B 42 -9.84 -3.90 19.92
CA GLN B 42 -11.06 -4.69 20.06
C GLN B 42 -11.34 -5.54 18.81
N ARG B 43 -12.04 -6.68 18.99
CA ARG B 43 -12.41 -7.58 17.87
C ARG B 43 -13.46 -6.94 16.95
N ILE B 44 -13.33 -7.22 15.65
CA ILE B 44 -14.28 -6.71 14.66
C ILE B 44 -14.95 -7.84 13.87
N GLY B 45 -14.41 -9.05 13.99
CA GLY B 45 -14.98 -10.19 13.27
C GLY B 45 -14.09 -11.42 13.14
N SER B 46 -14.43 -12.26 12.15
CA SER B 46 -13.78 -13.57 12.00
C SER B 46 -13.00 -13.68 10.69
N GLY B 47 -11.83 -14.31 10.76
CA GLY B 47 -11.02 -14.58 9.57
C GLY B 47 -11.03 -16.06 9.25
N SER B 48 -10.15 -16.49 8.36
CA SER B 48 -10.09 -17.88 7.96
C SER B 48 -9.78 -18.79 9.15
N PHE B 49 -8.53 -18.74 9.61
CA PHE B 49 -8.13 -19.54 10.76
C PHE B 49 -7.88 -18.59 11.90
N GLY B 50 -8.95 -18.07 12.48
CA GLY B 50 -8.84 -17.25 13.67
C GLY B 50 -9.72 -16.02 13.72
N THR B 51 -9.44 -15.17 14.71
CA THR B 51 -10.23 -13.96 14.96
C THR B 51 -9.43 -12.72 14.57
N VAL B 52 -10.13 -11.64 14.27
CA VAL B 52 -9.49 -10.43 13.72
C VAL B 52 -9.84 -9.19 14.54
N TYR B 53 -8.83 -8.41 14.90
CA TYR B 53 -9.01 -7.18 15.65
C TYR B 53 -8.45 -5.98 14.91
N LYS B 54 -9.03 -4.81 15.16
CA LYS B 54 -8.35 -3.53 14.94
C LYS B 54 -7.23 -3.42 16.00
N GLY B 55 -6.02 -3.07 15.54
CA GLY B 55 -4.86 -2.99 16.42
C GLY B 55 -4.00 -1.76 16.23
N LYS B 56 -2.81 -1.77 16.83
CA LYS B 56 -1.87 -0.63 16.75
C LYS B 56 -0.43 -1.10 16.70
N TRP B 57 0.22 -0.89 15.56
CA TRP B 57 1.64 -1.13 15.42
C TRP B 57 2.18 -0.25 14.31
N HIS B 58 2.88 0.82 14.70
CA HIS B 58 3.30 1.88 13.79
C HIS B 58 2.13 2.42 12.97
N GLY B 59 1.16 3.02 13.67
CA GLY B 59 -0.13 3.37 13.07
C GLY B 59 -1.09 2.21 13.24
N ASP B 60 -2.39 2.47 13.13
CA ASP B 60 -3.35 1.40 13.37
C ASP B 60 -3.37 0.36 12.27
N VAL B 61 -3.55 -0.89 12.67
CA VAL B 61 -3.42 -2.03 11.76
C VAL B 61 -4.55 -3.05 11.96
N ALA B 62 -4.65 -4.01 11.06
CA ALA B 62 -5.54 -5.16 11.24
C ALA B 62 -4.75 -6.35 11.75
N VAL B 63 -5.26 -7.00 12.80
CA VAL B 63 -4.59 -8.15 13.39
C VAL B 63 -5.46 -9.40 13.27
N LYS B 64 -4.87 -10.48 12.77
CA LYS B 64 -5.52 -11.79 12.73
C LYS B 64 -4.81 -12.69 13.74
N MET B 65 -5.52 -13.06 14.79
CA MET B 65 -4.98 -13.96 15.80
C MET B 65 -5.68 -15.30 15.87
N LEU B 66 -4.88 -16.35 16.04
CA LEU B 66 -5.40 -17.71 16.21
C LEU B 66 -5.78 -17.99 17.67
N ASN B 67 -4.99 -17.45 18.61
CA ASN B 67 -5.36 -17.35 20.04
C ASN B 67 -6.11 -18.55 20.64
N VAL B 68 -5.42 -19.68 20.79
CA VAL B 68 -6.02 -20.86 21.41
C VAL B 68 -5.22 -21.28 22.65
N THR B 69 -4.63 -20.28 23.31
CA THR B 69 -3.65 -20.50 24.40
C THR B 69 -2.45 -21.32 23.89
N ALA B 70 -2.64 -22.62 23.77
CA ALA B 70 -1.69 -23.51 23.10
C ALA B 70 -2.26 -23.91 21.73
N PRO B 71 -1.44 -23.85 20.68
CA PRO B 71 -1.89 -24.18 19.33
C PRO B 71 -1.57 -25.61 18.88
N THR B 72 -2.35 -26.12 17.92
CA THR B 72 -2.11 -27.41 17.26
C THR B 72 -0.87 -27.33 16.35
N PRO B 73 -0.17 -28.46 16.13
CA PRO B 73 0.77 -28.53 15.00
C PRO B 73 0.11 -28.32 13.62
N GLN B 74 -1.20 -28.57 13.55
CA GLN B 74 -1.96 -28.37 12.32
C GLN B 74 -2.42 -26.91 12.12
N GLN B 75 -2.78 -26.26 13.23
CA GLN B 75 -3.07 -24.82 13.23
C GLN B 75 -1.79 -24.03 12.96
N LEU B 76 -0.69 -24.47 13.58
CA LEU B 76 0.64 -23.88 13.39
C LEU B 76 1.06 -23.92 11.92
N GLN B 77 0.77 -25.01 11.23
CA GLN B 77 1.10 -25.16 9.83
C GLN B 77 0.41 -24.13 8.93
N ALA B 78 -0.91 -23.99 9.09
CA ALA B 78 -1.71 -23.06 8.28
C ALA B 78 -1.20 -21.63 8.38
N PHE B 79 -0.81 -21.27 9.59
CA PHE B 79 -0.17 -20.01 9.91
C PHE B 79 1.11 -19.82 9.10
N LYS B 80 2.00 -20.81 9.14
CA LYS B 80 3.28 -20.76 8.41
C LYS B 80 3.08 -20.75 6.90
N ASN B 81 1.85 -21.00 6.47
CA ASN B 81 1.51 -20.94 5.06
C ASN B 81 1.09 -19.56 4.63
N GLU B 82 0.16 -18.97 5.37
CA GLU B 82 -0.34 -17.63 5.11
C GLU B 82 0.84 -16.63 5.09
N VAL B 83 1.63 -16.65 6.16
CA VAL B 83 2.84 -15.83 6.26
C VAL B 83 3.76 -16.08 5.07
N GLY B 84 4.03 -17.35 4.78
CA GLY B 84 4.85 -17.72 3.63
C GLY B 84 4.36 -17.15 2.32
N VAL B 85 3.04 -17.08 2.16
CA VAL B 85 2.39 -16.57 0.95
C VAL B 85 2.33 -15.04 0.93
N LEU B 86 1.88 -14.45 2.02
CA LEU B 86 1.76 -13.00 2.11
C LEU B 86 3.09 -12.28 1.88
N ARG B 87 4.18 -12.84 2.40
CA ARG B 87 5.49 -12.21 2.26
C ARG B 87 6.05 -12.30 0.83
N LYS B 88 5.21 -12.76 -0.10
CA LYS B 88 5.58 -12.80 -1.52
C LYS B 88 4.72 -11.82 -2.32
N THR B 89 3.80 -11.15 -1.62
CA THR B 89 2.89 -10.19 -2.24
C THR B 89 3.24 -8.75 -1.90
N ARG B 90 3.63 -8.00 -2.92
CA ARG B 90 3.76 -6.54 -2.84
C ARG B 90 3.02 -5.93 -4.02
N HIS B 91 1.76 -5.56 -3.80
CA HIS B 91 0.91 -5.00 -4.85
C HIS B 91 -0.26 -4.22 -4.29
N VAL B 92 -0.52 -3.08 -4.91
CA VAL B 92 -1.61 -2.18 -4.49
C VAL B 92 -2.94 -2.88 -4.19
N ASN B 93 -3.25 -3.94 -4.93
CA ASN B 93 -4.55 -4.57 -4.81
C ASN B 93 -4.59 -5.77 -3.87
N ILE B 94 -3.46 -6.01 -3.20
CA ILE B 94 -3.33 -7.07 -2.22
C ILE B 94 -3.08 -6.47 -0.84
N LEU B 95 -3.98 -6.74 0.09
CA LEU B 95 -3.84 -6.28 1.49
C LEU B 95 -2.38 -6.37 1.92
N LEU B 96 -1.85 -5.24 2.37
CA LEU B 96 -0.44 -5.15 2.74
C LEU B 96 -0.11 -5.84 4.06
N PHE B 97 0.63 -6.93 3.93
CA PHE B 97 1.19 -7.67 5.05
C PHE B 97 2.32 -6.83 5.61
N MET B 98 2.32 -6.66 6.93
CA MET B 98 3.34 -5.88 7.59
C MET B 98 4.29 -6.75 8.41
N GLY B 99 3.75 -7.75 9.10
CA GLY B 99 4.58 -8.66 9.89
C GLY B 99 3.76 -9.66 10.69
N TYR B 100 4.45 -10.55 11.40
CA TYR B 100 3.82 -11.60 12.21
C TYR B 100 4.37 -11.70 13.65
N SER B 101 3.68 -12.46 14.50
CA SER B 101 4.09 -12.68 15.88
C SER B 101 3.67 -14.06 16.39
N THR B 102 4.40 -14.57 17.39
CA THR B 102 4.10 -15.86 18.01
C THR B 102 4.05 -15.77 19.55
N LYS B 103 4.90 -14.92 20.13
CA LYS B 103 5.18 -14.88 21.58
C LYS B 103 4.16 -14.18 22.51
N PRO B 104 3.02 -13.71 21.99
CA PRO B 104 1.82 -13.97 22.77
C PRO B 104 1.11 -15.18 22.14
N GLN B 105 0.27 -14.91 21.14
CA GLN B 105 -0.32 -15.94 20.30
C GLN B 105 0.21 -15.77 18.87
N LEU B 106 -0.25 -16.61 17.94
CA LEU B 106 0.14 -16.47 16.54
C LEU B 106 -0.69 -15.34 15.92
N ALA B 107 -0.02 -14.47 15.16
CA ALA B 107 -0.69 -13.26 14.66
C ALA B 107 -0.21 -12.77 13.30
N ILE B 108 -1.16 -12.34 12.46
CA ILE B 108 -0.85 -11.73 11.17
C ILE B 108 -1.21 -10.25 11.24
N VAL B 109 -0.30 -9.38 10.81
CA VAL B 109 -0.49 -7.93 10.87
C VAL B 109 -0.51 -7.34 9.46
N THR B 110 -1.60 -6.67 9.12
CA THR B 110 -1.75 -6.04 7.81
C THR B 110 -2.15 -4.59 8.00
N GLN B 111 -2.04 -3.79 6.94
CA GLN B 111 -2.63 -2.44 6.94
C GLN B 111 -4.07 -2.48 7.42
N TRP B 112 -4.50 -1.47 8.17
CA TRP B 112 -5.92 -1.32 8.48
C TRP B 112 -6.61 -0.61 7.33
N CYS B 113 -7.65 -1.23 6.76
CA CYS B 113 -8.43 -0.58 5.71
C CYS B 113 -9.63 0.14 6.28
N GLU B 114 -9.75 1.41 5.94
CA GLU B 114 -10.91 2.21 6.35
C GLU B 114 -12.04 1.91 5.39
N GLY B 115 -13.22 1.58 5.92
CA GLY B 115 -14.37 1.18 5.08
C GLY B 115 -14.35 -0.31 4.84
N SER B 116 -15.46 -0.99 5.14
CA SER B 116 -15.47 -2.46 5.28
C SER B 116 -15.24 -3.25 3.98
N SER B 117 -15.63 -4.52 3.99
CA SER B 117 -15.52 -5.42 2.83
C SER B 117 -16.52 -5.09 1.72
N LEU B 118 -16.24 -5.57 0.51
CA LEU B 118 -17.19 -5.47 -0.61
C LEU B 118 -18.54 -6.09 -0.28
N TYR B 119 -18.49 -7.21 0.43
CA TYR B 119 -19.67 -7.90 0.91
C TYR B 119 -20.53 -6.98 1.76
N HIS B 120 -19.91 -6.36 2.75
CA HIS B 120 -20.61 -5.49 3.69
C HIS B 120 -21.34 -4.40 2.93
N HIS B 121 -20.66 -3.80 1.96
CA HIS B 121 -21.18 -2.70 1.16
C HIS B 121 -22.35 -3.12 0.30
N LEU B 122 -22.25 -4.30 -0.30
CA LEU B 122 -23.28 -4.76 -1.21
C LEU B 122 -24.49 -5.34 -0.49
N HIS B 123 -24.29 -6.11 0.58
CA HIS B 123 -25.37 -6.91 1.14
C HIS B 123 -25.86 -6.56 2.52
N ILE B 124 -25.05 -5.86 3.33
CA ILE B 124 -25.52 -5.43 4.64
C ILE B 124 -25.99 -3.97 4.66
N ILE B 125 -25.18 -3.05 4.18
CA ILE B 125 -25.61 -1.65 4.13
C ILE B 125 -26.11 -1.25 2.74
N GLU B 126 -26.07 -2.19 1.81
CA GLU B 126 -26.60 -1.98 0.45
C GLU B 126 -26.18 -0.66 -0.20
N THR B 127 -24.89 -0.39 -0.25
CA THR B 127 -24.35 0.78 -0.92
C THR B 127 -24.73 0.76 -2.39
N LYS B 128 -25.48 1.77 -2.82
CA LYS B 128 -25.77 1.94 -4.24
C LYS B 128 -24.58 2.64 -4.92
N PHE B 129 -23.68 1.86 -5.52
CA PHE B 129 -22.58 2.41 -6.32
C PHE B 129 -23.06 2.80 -7.72
N GLU B 130 -22.25 3.54 -8.45
CA GLU B 130 -22.49 3.79 -9.89
C GLU B 130 -21.75 2.76 -10.74
N MET B 131 -22.31 2.46 -11.91
CA MET B 131 -21.77 1.44 -12.80
C MET B 131 -20.26 1.60 -13.00
N ILE B 132 -19.84 2.84 -13.27
CA ILE B 132 -18.44 3.19 -13.47
C ILE B 132 -17.57 2.65 -12.35
N LYS B 133 -18.02 2.84 -11.10
CA LYS B 133 -17.27 2.34 -9.95
C LYS B 133 -17.32 0.81 -9.80
N LEU B 134 -18.48 0.19 -9.99
CA LEU B 134 -18.59 -1.27 -9.97
C LEU B 134 -17.57 -1.89 -10.93
N ILE B 135 -17.60 -1.45 -12.18
CA ILE B 135 -16.63 -1.89 -13.17
C ILE B 135 -15.20 -1.59 -12.72
N ASP B 136 -15.03 -0.57 -11.88
CA ASP B 136 -13.70 -0.24 -11.38
C ASP B 136 -13.27 -1.27 -10.31
N ILE B 137 -14.18 -1.55 -9.36
CA ILE B 137 -13.96 -2.57 -8.35
C ILE B 137 -13.76 -3.92 -9.04
N ALA B 138 -14.43 -4.09 -10.17
CA ALA B 138 -14.22 -5.27 -11.01
C ALA B 138 -12.81 -5.28 -11.57
N ARG B 139 -12.37 -4.13 -12.09
CA ARG B 139 -11.04 -3.98 -12.70
C ARG B 139 -9.88 -4.23 -11.75
N GLN B 140 -9.90 -3.53 -10.61
CA GLN B 140 -8.87 -3.68 -9.59
C GLN B 140 -8.76 -5.11 -9.02
N THR B 141 -9.90 -5.77 -8.81
CA THR B 141 -9.93 -7.14 -8.29
C THR B 141 -9.28 -8.06 -9.30
N ALA B 142 -9.60 -7.87 -10.57
CA ALA B 142 -8.96 -8.64 -11.62
C ALA B 142 -7.46 -8.38 -11.58
N GLN B 143 -7.12 -7.13 -11.29
CA GLN B 143 -5.72 -6.67 -11.25
C GLN B 143 -4.95 -7.41 -10.17
N GLY B 144 -5.49 -7.47 -8.95
CA GLY B 144 -4.85 -8.18 -7.85
C GLY B 144 -4.70 -9.66 -8.17
N MET B 145 -5.78 -10.25 -8.70
CA MET B 145 -5.81 -11.67 -9.06
C MET B 145 -4.72 -12.01 -10.05
N ASP B 146 -4.63 -11.18 -11.09
CA ASP B 146 -3.61 -11.32 -12.13
C ASP B 146 -2.21 -11.21 -11.58
N TYR B 147 -2.05 -10.44 -10.51
CA TYR B 147 -0.75 -10.36 -9.86
C TYR B 147 -0.46 -11.69 -9.17
N LEU B 148 -1.44 -12.20 -8.42
CA LEU B 148 -1.30 -13.45 -7.67
C LEU B 148 -0.95 -14.62 -8.57
N HIS B 149 -1.74 -14.81 -9.63
CA HIS B 149 -1.59 -15.94 -10.53
C HIS B 149 -0.30 -15.89 -11.34
N ALA B 150 0.27 -14.70 -11.50
CA ALA B 150 1.60 -14.56 -12.11
C ALA B 150 2.73 -15.03 -11.18
N LYS B 151 2.42 -15.11 -9.88
CA LYS B 151 3.33 -15.65 -8.87
C LYS B 151 2.88 -17.05 -8.41
N SER B 152 2.05 -17.68 -9.23
CA SER B 152 1.58 -19.04 -8.94
C SER B 152 0.86 -19.13 -7.62
N ILE B 153 0.22 -18.05 -7.20
CA ILE B 153 -0.58 -18.08 -5.98
C ILE B 153 -2.03 -18.29 -6.36
N ILE B 154 -2.66 -19.32 -5.75
CA ILE B 154 -4.08 -19.56 -5.91
C ILE B 154 -4.72 -19.24 -4.58
N HIS B 155 -5.67 -18.30 -4.61
CA HIS B 155 -6.32 -17.79 -3.42
C HIS B 155 -7.20 -18.83 -2.74
N ARG B 156 -7.83 -19.69 -3.55
CA ARG B 156 -8.72 -20.76 -3.07
C ARG B 156 -9.97 -20.30 -2.31
N ASP B 157 -10.09 -19.00 -2.04
CA ASP B 157 -11.22 -18.52 -1.25
C ASP B 157 -11.60 -17.04 -1.56
N LEU B 158 -11.49 -16.65 -2.82
CA LEU B 158 -11.94 -15.33 -3.22
C LEU B 158 -13.44 -15.24 -3.00
N LYS B 159 -13.90 -14.07 -2.60
CA LYS B 159 -15.30 -13.79 -2.34
C LYS B 159 -15.33 -12.36 -1.85
N SER B 160 -16.49 -11.72 -1.90
CA SER B 160 -16.59 -10.30 -1.57
C SER B 160 -16.28 -10.00 -0.10
N ASN B 161 -16.14 -11.02 0.73
CA ASN B 161 -15.74 -10.86 2.11
C ASN B 161 -14.26 -10.60 2.26
N ASN B 162 -13.51 -11.01 1.24
CA ASN B 162 -12.06 -10.85 1.26
C ASN B 162 -11.62 -9.74 0.33
N ILE B 163 -12.58 -8.86 0.00
CA ILE B 163 -12.31 -7.71 -0.84
C ILE B 163 -12.68 -6.46 -0.05
N PHE B 164 -11.65 -5.75 0.39
CA PHE B 164 -11.84 -4.62 1.27
C PHE B 164 -11.62 -3.34 0.49
N LEU B 165 -12.42 -2.34 0.81
CA LEU B 165 -12.34 -1.06 0.15
C LEU B 165 -11.54 -0.13 1.01
N HIS B 166 -10.29 0.11 0.62
CA HIS B 166 -9.49 1.08 1.31
C HIS B 166 -9.85 2.45 0.78
N GLU B 167 -10.03 3.42 1.69
CA GLU B 167 -10.44 4.77 1.33
C GLU B 167 -11.57 4.78 0.29
N ASP B 168 -12.42 3.75 0.34
CA ASP B 168 -13.56 3.58 -0.59
C ASP B 168 -13.24 3.71 -2.09
N LEU B 169 -11.96 3.59 -2.46
CA LEU B 169 -11.58 3.62 -3.89
C LEU B 169 -10.51 2.62 -4.32
N THR B 170 -9.82 2.03 -3.35
CA THR B 170 -8.81 1.04 -3.68
C THR B 170 -9.24 -0.30 -3.14
N VAL B 171 -9.15 -1.32 -3.99
CA VAL B 171 -9.53 -2.66 -3.64
C VAL B 171 -8.29 -3.37 -3.14
N LYS B 172 -8.35 -3.86 -1.92
CA LYS B 172 -7.32 -4.77 -1.41
C LYS B 172 -7.91 -6.19 -1.21
N ILE B 173 -7.34 -7.17 -1.93
CA ILE B 173 -7.70 -8.57 -1.74
C ILE B 173 -6.98 -9.08 -0.51
N GLY B 174 -7.68 -9.79 0.37
CA GLY B 174 -7.02 -10.35 1.54
C GLY B 174 -7.72 -11.35 2.42
N ASP B 175 -7.15 -12.56 2.47
CA ASP B 175 -7.28 -13.53 3.58
C ASP B 175 -6.69 -14.78 2.98
N PHE B 176 -5.68 -15.35 3.61
CA PHE B 176 -4.82 -16.22 2.84
C PHE B 176 -4.59 -17.66 3.36
N GLY B 177 -5.65 -18.37 3.74
CA GLY B 177 -5.62 -19.86 3.75
C GLY B 177 -5.60 -20.43 2.31
N LEU B 178 -4.40 -20.48 1.70
CA LEU B 178 -4.21 -20.80 0.27
C LEU B 178 -2.80 -21.33 -0.14
N ALA B 179 -2.62 -21.63 -1.43
CA ALA B 179 -1.45 -22.40 -1.90
C ALA B 179 -0.56 -21.72 -2.95
N THR B 180 0.69 -22.20 -3.03
CA THR B 180 1.59 -21.89 -4.12
C THR B 180 1.80 -23.17 -4.96
N VAL B 181 2.56 -23.06 -6.06
CA VAL B 181 2.88 -24.21 -6.92
C VAL B 181 1.63 -24.75 -7.61
N GLY B 196 -16.84 -24.50 4.67
CA GLY B 196 -16.48 -23.21 4.05
C GLY B 196 -17.70 -22.51 3.48
N SER B 197 -17.46 -21.45 2.70
CA SER B 197 -18.52 -20.67 2.09
C SER B 197 -18.63 -21.03 0.63
N ILE B 198 -19.82 -21.47 0.24
CA ILE B 198 -20.00 -22.32 -0.93
C ILE B 198 -20.45 -21.57 -2.18
N LEU B 199 -21.02 -20.39 -1.97
CA LEU B 199 -21.58 -19.58 -3.05
C LEU B 199 -20.56 -19.20 -4.11
N TRP B 200 -19.27 -19.27 -3.78
CA TRP B 200 -18.20 -18.90 -4.71
C TRP B 200 -17.44 -20.10 -5.27
N MET B 201 -17.78 -21.30 -4.81
CA MET B 201 -17.09 -22.51 -5.27
C MET B 201 -17.54 -22.96 -6.65
N ALA B 202 -16.58 -23.25 -7.51
CA ALA B 202 -16.87 -23.83 -8.81
C ALA B 202 -17.40 -25.25 -8.60
N PRO B 203 -18.30 -25.72 -9.49
CA PRO B 203 -18.82 -27.08 -9.42
C PRO B 203 -17.74 -28.12 -9.18
N GLU B 204 -16.66 -28.07 -9.95
CA GLU B 204 -15.53 -29.01 -9.79
C GLU B 204 -15.02 -29.06 -8.33
N VAL B 205 -14.92 -27.89 -7.71
CA VAL B 205 -14.44 -27.73 -6.34
C VAL B 205 -15.48 -28.30 -5.40
N ILE B 206 -16.73 -27.95 -5.65
CA ILE B 206 -17.83 -28.31 -4.78
C ILE B 206 -18.16 -29.82 -4.81
N ARG B 207 -17.68 -30.53 -5.82
CA ARG B 207 -17.97 -31.95 -5.90
C ARG B 207 -16.81 -32.89 -5.52
N MET B 208 -15.63 -32.33 -5.30
CA MET B 208 -14.47 -33.07 -4.78
C MET B 208 -14.19 -34.40 -5.49
N GLN B 209 -13.94 -34.33 -6.79
CA GLN B 209 -13.73 -35.53 -7.61
C GLN B 209 -12.33 -36.16 -7.44
N ASP B 210 -11.26 -35.36 -7.58
CA ASP B 210 -9.91 -35.90 -7.39
C ASP B 210 -9.05 -35.16 -6.34
N LYS B 211 -7.82 -35.64 -6.18
CA LYS B 211 -6.85 -35.11 -5.22
C LYS B 211 -6.58 -33.59 -5.32
N ASN B 212 -6.66 -33.03 -6.54
CA ASN B 212 -6.56 -31.57 -6.73
C ASN B 212 -7.51 -30.96 -7.77
N PRO B 213 -8.60 -30.34 -7.29
CA PRO B 213 -9.63 -29.59 -8.03
C PRO B 213 -9.48 -28.05 -8.03
N TYR B 214 -8.50 -27.53 -7.31
CA TYR B 214 -8.28 -26.10 -7.23
C TYR B 214 -7.34 -25.67 -8.33
N SER B 215 -7.60 -24.50 -8.90
CA SER B 215 -6.82 -24.04 -10.02
C SER B 215 -7.08 -22.57 -10.25
N PHE B 216 -6.29 -21.97 -11.14
CA PHE B 216 -6.51 -20.59 -11.54
C PHE B 216 -7.97 -20.48 -11.95
N GLN B 217 -8.45 -21.52 -12.61
CA GLN B 217 -9.82 -21.57 -13.09
C GLN B 217 -10.89 -21.57 -11.98
N SER B 218 -10.61 -22.21 -10.85
CA SER B 218 -11.57 -22.15 -9.75
C SER B 218 -11.61 -20.75 -9.14
N ASP B 219 -10.44 -20.09 -9.07
CA ASP B 219 -10.35 -18.66 -8.69
C ASP B 219 -11.15 -17.80 -9.68
N VAL B 220 -11.00 -18.06 -10.97
CA VAL B 220 -11.76 -17.35 -12.00
C VAL B 220 -13.29 -17.49 -11.82
N TYR B 221 -13.74 -18.68 -11.43
CA TYR B 221 -15.15 -18.89 -11.10
C TYR B 221 -15.57 -18.04 -9.91
N ALA B 222 -14.76 -18.03 -8.87
CA ALA B 222 -15.05 -17.20 -7.71
C ALA B 222 -15.19 -15.74 -8.12
N PHE B 223 -14.29 -15.26 -8.98
CA PHE B 223 -14.32 -13.89 -9.50
C PHE B 223 -15.64 -13.67 -10.21
N GLY B 224 -16.00 -14.65 -11.04
CA GLY B 224 -17.24 -14.63 -11.81
C GLY B 224 -18.44 -14.35 -10.93
N ILE B 225 -18.47 -14.97 -9.77
CA ILE B 225 -19.53 -14.73 -8.81
C ILE B 225 -19.51 -13.31 -8.23
N VAL B 226 -18.33 -12.72 -8.08
CA VAL B 226 -18.30 -11.35 -7.57
C VAL B 226 -18.67 -10.33 -8.66
N LEU B 227 -18.37 -10.63 -9.92
CA LEU B 227 -18.94 -9.85 -11.01
C LEU B 227 -20.45 -9.87 -10.90
N TYR B 228 -20.98 -11.08 -10.63
CA TYR B 228 -22.40 -11.28 -10.45
C TYR B 228 -22.87 -10.29 -9.38
N GLU B 229 -22.22 -10.33 -8.22
CA GLU B 229 -22.61 -9.47 -7.10
C GLU B 229 -22.57 -8.00 -7.49
N LEU B 230 -21.49 -7.59 -8.14
CA LEU B 230 -21.36 -6.19 -8.53
C LEU B 230 -22.46 -5.82 -9.51
N MET B 231 -22.79 -6.72 -10.43
CA MET B 231 -23.74 -6.41 -11.49
C MET B 231 -25.20 -6.65 -11.13
N THR B 232 -25.46 -7.38 -10.04
CA THR B 232 -26.85 -7.64 -9.61
C THR B 232 -27.19 -7.01 -8.26
N GLY B 233 -26.15 -6.70 -7.47
CA GLY B 233 -26.34 -6.22 -6.12
C GLY B 233 -26.82 -7.34 -5.22
N GLN B 234 -26.60 -8.59 -5.63
CA GLN B 234 -27.20 -9.72 -4.93
C GLN B 234 -26.32 -10.94 -4.88
N LEU B 235 -26.49 -11.72 -3.82
CA LEU B 235 -25.91 -13.05 -3.68
C LEU B 235 -26.72 -14.06 -4.51
N PRO B 236 -26.03 -14.96 -5.26
CA PRO B 236 -26.74 -15.89 -6.14
C PRO B 236 -27.52 -16.90 -5.33
N TYR B 237 -28.68 -17.29 -5.84
CA TYR B 237 -29.53 -18.33 -5.26
C TYR B 237 -30.23 -17.85 -4.03
N SER B 238 -30.56 -16.57 -3.98
CA SER B 238 -31.26 -16.01 -2.83
C SER B 238 -32.69 -16.54 -2.67
N ASN B 239 -33.24 -17.15 -3.71
CA ASN B 239 -34.59 -17.71 -3.60
C ASN B 239 -34.64 -19.16 -3.09
N ILE B 240 -33.45 -19.72 -2.85
CA ILE B 240 -33.29 -21.07 -2.31
C ILE B 240 -32.67 -20.97 -0.92
N ASN B 241 -33.47 -21.24 0.12
CA ASN B 241 -33.05 -21.02 1.51
C ASN B 241 -32.38 -22.22 2.17
N ASN B 242 -32.01 -23.22 1.39
CA ASN B 242 -31.48 -24.47 1.92
C ASN B 242 -30.10 -24.74 1.36
N ARG B 243 -29.14 -24.64 2.25
CA ARG B 243 -27.73 -24.69 1.94
C ARG B 243 -27.29 -25.98 1.21
N ASP B 244 -27.74 -27.13 1.70
CA ASP B 244 -27.29 -28.41 1.15
C ASP B 244 -27.76 -28.64 -0.27
N GLN B 245 -29.00 -28.24 -0.53
CA GLN B 245 -29.57 -28.30 -1.87
C GLN B 245 -28.75 -27.45 -2.83
N ILE B 246 -28.44 -26.22 -2.42
CA ILE B 246 -27.56 -25.38 -3.20
C ILE B 246 -26.29 -26.12 -3.52
N ILE B 247 -25.60 -26.65 -2.51
CA ILE B 247 -24.34 -27.37 -2.78
C ILE B 247 -24.54 -28.58 -3.70
N PHE B 248 -25.60 -29.36 -3.46
CA PHE B 248 -25.91 -30.50 -4.31
C PHE B 248 -26.14 -30.14 -5.78
N MET B 249 -26.97 -29.13 -6.02
CA MET B 249 -27.38 -28.81 -7.38
C MET B 249 -26.31 -28.12 -8.22
N VAL B 250 -25.51 -27.25 -7.60
CA VAL B 250 -24.43 -26.55 -8.32
C VAL B 250 -23.39 -27.56 -8.80
N GLY B 251 -23.01 -28.49 -7.92
CA GLY B 251 -22.06 -29.55 -8.26
C GLY B 251 -22.54 -30.54 -9.30
N ARG B 252 -23.84 -30.83 -9.30
CA ARG B 252 -24.44 -31.74 -10.28
C ARG B 252 -24.67 -31.04 -11.62
N GLY B 253 -24.91 -29.74 -11.58
CA GLY B 253 -25.07 -28.95 -12.80
C GLY B 253 -26.49 -28.52 -12.99
N TYR B 254 -27.30 -28.69 -11.96
CA TYR B 254 -28.73 -28.38 -12.00
C TYR B 254 -28.97 -26.89 -11.82
N LEU B 255 -28.08 -26.26 -11.07
CA LEU B 255 -28.26 -24.88 -10.66
C LEU B 255 -27.07 -24.08 -11.12
N SER B 256 -27.33 -22.87 -11.58
CA SER B 256 -26.27 -21.90 -11.82
C SER B 256 -26.84 -20.50 -11.63
N PRO B 257 -25.96 -19.48 -11.52
CA PRO B 257 -26.47 -18.14 -11.26
C PRO B 257 -27.33 -17.65 -12.42
N ASP B 258 -28.40 -16.94 -12.10
CA ASP B 258 -29.32 -16.45 -13.11
C ASP B 258 -28.79 -15.12 -13.62
N LEU B 259 -28.23 -15.15 -14.83
CA LEU B 259 -27.55 -13.99 -15.42
C LEU B 259 -28.54 -12.98 -15.97
N SER B 260 -29.81 -13.39 -16.00
CA SER B 260 -30.89 -12.56 -16.51
C SER B 260 -31.53 -11.87 -15.34
N LYS B 261 -30.69 -11.12 -14.63
CA LYS B 261 -31.02 -10.45 -13.37
C LYS B 261 -30.04 -9.29 -13.18
N VAL B 262 -29.07 -9.20 -14.08
CA VAL B 262 -28.10 -8.11 -14.10
C VAL B 262 -28.78 -6.81 -14.53
N ARG B 263 -28.32 -5.67 -14.02
CA ARG B 263 -28.81 -4.36 -14.46
C ARG B 263 -28.76 -4.24 -15.98
N SER B 264 -29.71 -3.51 -16.56
CA SER B 264 -29.65 -3.08 -17.97
C SER B 264 -28.48 -2.12 -18.15
N ASN B 265 -28.14 -1.42 -17.05
CA ASN B 265 -26.91 -0.65 -16.93
C ASN B 265 -25.66 -1.40 -17.35
N CYS B 266 -25.58 -2.69 -17.01
CA CYS B 266 -24.40 -3.49 -17.26
C CYS B 266 -24.15 -3.63 -18.77
N PRO B 267 -22.97 -3.21 -19.25
CA PRO B 267 -22.58 -3.39 -20.65
C PRO B 267 -22.56 -4.86 -21.06
N LYS B 268 -22.85 -5.10 -22.34
CA LYS B 268 -22.96 -6.45 -22.85
C LYS B 268 -21.67 -7.22 -22.62
N ALA B 269 -20.54 -6.57 -22.89
CA ALA B 269 -19.24 -7.23 -22.82
C ALA B 269 -18.97 -7.78 -21.43
N MET B 270 -19.41 -7.04 -20.40
CA MET B 270 -19.26 -7.47 -19.02
C MET B 270 -20.14 -8.69 -18.72
N LYS B 271 -21.41 -8.59 -19.12
CA LYS B 271 -22.34 -9.71 -19.14
C LYS B 271 -21.72 -10.92 -19.84
N ARG B 272 -21.08 -10.68 -20.99
CA ARG B 272 -20.46 -11.76 -21.76
C ARG B 272 -19.31 -12.38 -20.98
N LEU B 273 -18.38 -11.55 -20.53
CA LEU B 273 -17.27 -11.95 -19.65
C LEU B 273 -17.75 -12.75 -18.43
N MET B 274 -18.83 -12.28 -17.79
CA MET B 274 -19.37 -12.93 -16.63
C MET B 274 -19.78 -14.35 -16.95
N ALA B 275 -20.54 -14.52 -18.02
CA ALA B 275 -20.95 -15.84 -18.48
C ALA B 275 -19.75 -16.75 -18.78
N GLU B 276 -18.63 -16.14 -19.16
CA GLU B 276 -17.41 -16.88 -19.50
C GLU B 276 -16.73 -17.44 -18.27
N CYS B 277 -16.65 -16.61 -17.24
CA CYS B 277 -15.97 -16.96 -16.00
C CYS B 277 -16.68 -18.05 -15.24
N LEU B 278 -17.98 -18.16 -15.50
CA LEU B 278 -18.86 -19.04 -14.75
C LEU B 278 -19.18 -20.31 -15.50
N LYS B 279 -18.48 -20.55 -16.60
CA LYS B 279 -18.65 -21.77 -17.39
C LYS B 279 -18.51 -22.96 -16.47
N LYS B 280 -19.47 -23.89 -16.57
CA LYS B 280 -19.48 -25.16 -15.83
C LYS B 280 -18.18 -25.93 -16.03
N LYS B 281 -17.67 -25.96 -17.26
CA LYS B 281 -16.43 -26.67 -17.61
C LYS B 281 -15.21 -25.75 -17.44
N ARG B 282 -14.28 -26.14 -16.58
CA ARG B 282 -13.17 -25.25 -16.22
C ARG B 282 -12.20 -24.90 -17.35
N ASP B 283 -11.90 -25.85 -18.23
CA ASP B 283 -11.04 -25.59 -19.40
C ASP B 283 -11.58 -24.47 -20.29
N GLU B 284 -12.85 -24.17 -20.09
CA GLU B 284 -13.56 -23.22 -20.92
C GLU B 284 -13.58 -21.81 -20.31
N ARG B 285 -12.98 -21.65 -19.12
CA ARG B 285 -12.89 -20.34 -18.46
C ARG B 285 -11.60 -19.63 -18.83
N PRO B 286 -11.68 -18.30 -19.09
CA PRO B 286 -10.52 -17.50 -19.48
C PRO B 286 -9.60 -17.26 -18.29
N LEU B 287 -8.33 -16.97 -18.57
CA LEU B 287 -7.38 -16.64 -17.52
C LEU B 287 -7.30 -15.11 -17.31
N PHE B 288 -6.73 -14.69 -16.19
CA PHE B 288 -6.87 -13.31 -15.74
C PHE B 288 -6.28 -12.24 -16.67
N PRO B 289 -5.18 -12.55 -17.38
CA PRO B 289 -4.73 -11.60 -18.40
C PRO B 289 -5.81 -11.28 -19.42
N GLN B 290 -6.55 -12.30 -19.88
CA GLN B 290 -7.62 -12.08 -20.84
C GLN B 290 -8.80 -11.37 -20.16
N ILE B 291 -9.06 -11.74 -18.91
CA ILE B 291 -10.12 -11.09 -18.14
C ILE B 291 -9.80 -9.61 -18.00
N LEU B 292 -8.58 -9.35 -17.55
CA LEU B 292 -8.10 -7.99 -17.30
C LEU B 292 -8.16 -7.12 -18.55
N ALA B 293 -7.69 -7.64 -19.68
CA ALA B 293 -7.75 -6.90 -20.94
C ALA B 293 -9.19 -6.56 -21.34
N SER B 294 -10.13 -7.46 -21.00
CA SER B 294 -11.55 -7.26 -21.35
C SER B 294 -12.19 -6.15 -20.55
N ILE B 295 -11.93 -6.12 -19.24
CA ILE B 295 -12.47 -5.06 -18.41
C ILE B 295 -11.82 -3.73 -18.80
N GLU B 296 -10.50 -3.70 -18.92
CA GLU B 296 -9.79 -2.50 -19.37
C GLU B 296 -10.37 -1.93 -20.67
N LEU B 297 -10.58 -2.79 -21.67
CA LEU B 297 -11.22 -2.40 -22.93
C LEU B 297 -12.59 -1.77 -22.69
N LEU B 298 -13.48 -2.47 -21.99
CA LEU B 298 -14.83 -1.96 -21.75
C LEU B 298 -14.88 -0.84 -20.71
N ALA B 299 -13.76 -0.56 -20.07
CA ALA B 299 -13.66 0.56 -19.14
C ALA B 299 -13.42 1.85 -19.92
N ARG B 300 -12.65 1.73 -21.01
CA ARG B 300 -12.39 2.84 -21.91
C ARG B 300 -13.62 3.15 -22.76
N SER B 301 -14.43 2.13 -23.05
CA SER B 301 -15.61 2.29 -23.90
C SER B 301 -16.83 2.88 -23.17
N LEU B 302 -16.94 2.63 -21.87
CA LEU B 302 -18.17 2.93 -21.13
C LEU B 302 -18.51 4.44 -20.99
N PRO B 303 -17.49 5.32 -20.82
CA PRO B 303 -17.85 6.73 -20.73
C PRO B 303 -18.11 7.38 -22.11
N LYS B 304 -18.66 6.57 -23.03
CA LYS B 304 -18.98 6.99 -24.40
C LYS B 304 -20.46 6.68 -24.74
C1 FP3 C . 11.43 5.54 -7.00
C2 FP3 C . 10.31 5.58 -7.84
C3 FP3 C . 9.71 6.83 -8.10
C4 FP3 C . 10.21 8.01 -7.52
C5 FP3 C . 11.34 7.96 -6.67
C6 FP3 C . 11.95 6.71 -6.42
N7 FP3 C . 9.61 9.19 -7.77
C8 FP3 C . 5.60 6.93 -7.45
N9 FP3 C . 4.58 7.59 -8.06
C10 FP3 C . 4.82 8.78 -8.67
C11 FP3 C . 6.12 9.32 -8.67
C12 FP3 C . 7.18 8.66 -8.04
C13 FP3 C . 6.93 7.43 -7.41
O14 FP3 C . 6.54 10.50 -9.23
C15 FP3 C . 7.92 10.54 -8.93
C16 FP3 C . 8.36 9.44 -8.20
C17 FP3 C . 8.73 11.65 -9.35
N18 FP3 C . 8.09 12.78 -9.74
C19 FP3 C . 8.82 13.83 -10.16
C20 FP3 C . 10.23 13.75 -10.18
C21 FP3 C . 10.82 12.54 -9.76
N22 FP3 C . 10.07 11.49 -9.35
O23 FP3 C . 13.06 6.66 -5.61
CL1 FP3 C . 12.19 4.01 -6.67
C1 FP3 D . -6.41 -10.64 7.80
C2 FP3 D . -6.67 -9.38 8.35
C3 FP3 D . -7.99 -8.93 8.38
C4 FP3 D . -9.07 -9.68 7.87
C5 FP3 D . -8.80 -10.96 7.32
C6 FP3 D . -7.46 -11.42 7.30
N7 FP3 D . -10.33 -9.17 7.90
C8 FP3 D . -8.14 -5.17 7.09
N9 FP3 D . -8.94 -4.08 7.15
C10 FP3 D . -10.25 -4.25 7.43
C11 FP3 D . -10.76 -5.56 7.66
C12 FP3 D . -9.94 -6.69 7.60
C13 FP3 D . -8.58 -6.49 7.30
O14 FP3 D . -12.06 -5.91 7.95
C15 FP3 D . -12.02 -7.32 8.07
C16 FP3 D . -10.75 -7.87 7.86
C17 FP3 D . -13.27 -7.95 8.39
N18 FP3 D . -14.36 -7.14 8.29
C19 FP3 D . -15.59 -7.63 8.60
C20 FP3 D . -15.69 -8.96 9.02
C21 FP3 D . -14.50 -9.74 9.11
N22 FP3 D . -13.29 -9.22 8.80
O23 FP3 D . -7.11 -12.65 6.78
CL1 FP3 D . -4.81 -11.29 7.74
#